data_9D9P
#
_entry.id   9D9P
#
_cell.length_a   106.406
_cell.length_b   95.251
_cell.length_c   113.637
_cell.angle_alpha   90.000
_cell.angle_beta   98.630
_cell.angle_gamma   90.000
#
_symmetry.space_group_name_H-M   'C 1 2 1'
#
loop_
_entity.id
_entity.type
_entity.pdbx_description
1 polymer 'RNA (90-MER)'
2 polymer 'Protease 3C'
3 non-polymer 'PHOSPHATE ION'
4 water water
#
loop_
_entity_poly.entity_id
_entity_poly.type
_entity_poly.pdbx_seq_one_letter_code
_entity_poly.pdbx_strand_id
1 'polyribonucleotide'
;GGUAAAACAGCCUGUGGGUUGAUCCCACCCACAGGGCCCAUUGGGCGCUAGCACUCUGGUAUCACGGUACCUUUGUGCGC
CUGUUUUACC
;
R
2 'polypeptide(L)'
;MGPAFEFAVAMMKRNSSTVKTEYGEFTMLGIYDRWAVLPRHAKPGPTILMNDQEVGVLDAKELVDKDGTNLELTLLKLNR
NEKFRDIRGFLAKEEVEVNEAVLAINTSKFPNMYIPVGQVTEYGFLNLGGTPTKRMLMYNFPTRAGQAGGVLMSTGKVLG
IHVGGNGHQGFSAALLKHYFNDEQLEHHHHHH
;
A,B
#
loop_
_chem_comp.id
_chem_comp.type
_chem_comp.name
_chem_comp.formula
A RNA linking ADENOSINE-5'-MONOPHOSPHATE 'C10 H14 N5 O7 P'
C RNA linking CYTIDINE-5'-MONOPHOSPHATE 'C9 H14 N3 O8 P'
G RNA linking GUANOSINE-5'-MONOPHOSPHATE 'C10 H14 N5 O8 P'
PO4 non-polymer 'PHOSPHATE ION' 'O4 P -3'
U RNA linking URIDINE-5'-MONOPHOSPHATE 'C9 H13 N2 O9 P'
#
# COMPACT_ATOMS: atom_id res chain seq x y z
N MET B 1 2.92 16.70 -1.15
CA MET B 1 3.90 17.12 -0.14
C MET B 1 5.27 17.17 -0.83
N GLY B 2 6.37 17.15 -0.06
CA GLY B 2 7.70 17.29 -0.62
C GLY B 2 7.94 16.33 -1.76
N PRO B 3 8.77 16.75 -2.72
CA PRO B 3 9.15 15.85 -3.81
C PRO B 3 9.78 14.55 -3.34
N ALA B 4 10.45 14.55 -2.18
CA ALA B 4 11.01 13.31 -1.65
C ALA B 4 9.92 12.36 -1.19
N PHE B 5 8.82 12.89 -0.62
CA PHE B 5 7.76 12.01 -0.14
C PHE B 5 6.99 11.41 -1.29
N GLU B 6 6.55 12.24 -2.23
CA GLU B 6 6.09 11.74 -3.53
C GLU B 6 6.99 10.62 -4.07
N PHE B 7 8.29 10.86 -4.14
CA PHE B 7 9.19 9.76 -4.52
C PHE B 7 9.05 8.58 -3.56
N ALA B 8 9.00 8.87 -2.26
CA ALA B 8 9.11 7.81 -1.26
C ALA B 8 7.87 6.95 -1.23
N VAL B 9 6.69 7.58 -1.31
CA VAL B 9 5.44 6.84 -1.32
C VAL B 9 5.40 5.89 -2.50
N ALA B 10 5.70 6.41 -3.69
CA ALA B 10 5.74 5.57 -4.89
C ALA B 10 6.71 4.41 -4.71
N MET B 11 7.90 4.67 -4.17
CA MET B 11 8.86 3.58 -4.01
C MET B 11 8.30 2.49 -3.11
N MET B 12 7.63 2.87 -2.02
CA MET B 12 7.11 1.89 -1.08
C MET B 12 5.93 1.12 -1.67
N LYS B 13 5.08 1.82 -2.43
CA LYS B 13 3.91 1.19 -3.05
C LYS B 13 4.32 0.14 -4.07
N ARG B 14 5.37 0.41 -4.84
CA ARG B 14 5.75 -0.43 -5.97
C ARG B 14 6.85 -1.44 -5.67
N ASN B 15 7.70 -1.19 -4.67
CA ASN B 15 8.95 -1.92 -4.51
C ASN B 15 9.20 -2.46 -3.11
N SER B 16 8.40 -2.09 -2.12
CA SER B 16 8.64 -2.54 -0.76
C SER B 16 7.67 -3.64 -0.36
N SER B 17 8.03 -4.38 0.68
CA SER B 17 7.13 -5.36 1.28
C SER B 17 7.57 -5.60 2.72
N THR B 18 6.66 -6.17 3.50
CA THR B 18 6.93 -6.55 4.89
C THR B 18 7.30 -8.02 4.94
N VAL B 19 8.37 -8.34 5.65
CA VAL B 19 8.93 -9.68 5.63
C VAL B 19 9.16 -10.15 7.06
N LYS B 20 8.78 -11.39 7.35
CA LYS B 20 9.12 -12.03 8.61
C LYS B 20 10.07 -13.17 8.32
N THR B 21 11.13 -13.26 9.10
CA THR B 21 12.06 -14.38 9.02
C THR B 21 12.13 -15.01 10.40
N GLU B 22 13.09 -15.93 10.56
CA GLU B 22 13.29 -16.53 11.87
C GLU B 22 13.79 -15.52 12.89
N TYR B 23 14.25 -14.34 12.44
CA TYR B 23 14.92 -13.35 13.28
C TYR B 23 14.18 -12.01 13.34
N GLY B 24 12.91 -11.96 12.96
CA GLY B 24 12.16 -10.76 13.17
C GLY B 24 11.41 -10.33 11.94
N GLU B 25 10.93 -9.10 11.96
CA GLU B 25 10.13 -8.51 10.90
C GLU B 25 10.88 -7.33 10.29
N PHE B 26 10.90 -7.24 8.96
CA PHE B 26 11.76 -6.30 8.26
C PHE B 26 11.02 -5.64 7.12
N THR B 27 11.42 -4.42 6.80
CA THR B 27 11.08 -3.85 5.50
C THR B 27 12.01 -4.44 4.46
N MET B 28 11.48 -4.75 3.28
CA MET B 28 12.30 -5.33 2.23
C MET B 28 12.04 -4.57 0.93
N LEU B 29 13.09 -4.41 0.14
CA LEU B 29 13.05 -3.57 -1.06
C LEU B 29 13.38 -4.42 -2.27
N GLY B 30 12.53 -4.36 -3.29
CA GLY B 30 12.80 -5.07 -4.53
C GLY B 30 13.59 -4.19 -5.45
N ILE B 31 14.67 -4.73 -6.00
CA ILE B 31 15.57 -3.96 -6.83
C ILE B 31 15.14 -4.07 -8.30
N TYR B 32 15.08 -5.28 -8.82
CA TYR B 32 14.59 -5.51 -10.18
C TYR B 32 14.36 -6.99 -10.31
N ASP B 33 13.59 -7.38 -11.35
CA ASP B 33 13.39 -8.79 -11.66
C ASP B 33 12.83 -9.46 -10.42
N ARG B 34 13.50 -10.45 -9.84
CA ARG B 34 13.02 -11.10 -8.63
C ARG B 34 14.06 -11.01 -7.51
N TRP B 35 14.94 -10.00 -7.56
CA TRP B 35 16.00 -9.80 -6.56
C TRP B 35 15.63 -8.66 -5.62
N ALA B 36 15.70 -8.93 -4.32
CA ALA B 36 15.38 -7.97 -3.27
C ALA B 36 16.53 -7.92 -2.27
N VAL B 37 16.40 -7.03 -1.28
CA VAL B 37 17.44 -6.79 -0.28
C VAL B 37 16.82 -6.82 1.11
N LEU B 38 17.50 -7.52 2.03
CA LEU B 38 17.24 -7.48 3.46
C LEU B 38 18.51 -7.07 4.20
N PRO B 39 18.39 -6.60 5.43
CA PRO B 39 19.59 -6.47 6.27
C PRO B 39 20.18 -7.85 6.50
N ARG B 40 21.51 -7.94 6.66
CA ARG B 40 22.11 -9.26 6.81
C ARG B 40 21.53 -10.01 8.00
N HIS B 41 21.32 -9.31 9.11
CA HIS B 41 20.87 -10.03 10.31
C HIS B 41 19.48 -10.65 10.19
N ALA B 42 18.76 -10.39 9.08
CA ALA B 42 17.50 -11.10 8.82
C ALA B 42 17.72 -12.60 8.61
N LYS B 43 18.86 -12.97 8.05
CA LYS B 43 19.24 -14.37 7.87
C LYS B 43 18.08 -15.17 7.27
N PRO B 44 17.60 -14.79 6.09
CA PRO B 44 16.41 -15.44 5.52
C PRO B 44 16.67 -16.92 5.22
N GLY B 45 15.70 -17.75 5.58
CA GLY B 45 15.84 -19.17 5.35
C GLY B 45 15.35 -19.58 3.98
N PRO B 46 15.07 -20.88 3.82
CA PRO B 46 14.58 -21.37 2.51
C PRO B 46 13.24 -20.78 2.09
N THR B 47 12.40 -20.30 3.03
CA THR B 47 11.23 -19.49 2.67
C THR B 47 11.09 -18.35 3.67
N ILE B 48 10.44 -17.27 3.23
CA ILE B 48 10.15 -16.10 4.04
C ILE B 48 8.66 -15.82 4.03
N LEU B 49 8.20 -14.96 4.96
CA LEU B 49 6.85 -14.43 4.90
C LEU B 49 6.89 -13.06 4.27
N MET B 50 6.35 -12.93 3.06
CA MET B 50 6.31 -11.68 2.33
C MET B 50 4.84 -11.22 2.31
N ASN B 51 4.52 -10.20 3.11
CA ASN B 51 3.16 -9.71 3.21
C ASN B 51 2.18 -10.81 3.64
N ASP B 52 2.56 -11.53 4.70
CA ASP B 52 1.82 -12.61 5.36
C ASP B 52 1.69 -13.87 4.53
N GLN B 53 2.41 -14.02 3.43
CA GLN B 53 2.28 -15.25 2.64
C GLN B 53 3.64 -15.82 2.30
N GLU B 54 3.77 -17.14 2.51
CA GLU B 54 5.03 -17.82 2.36
C GLU B 54 5.52 -17.75 0.92
N VAL B 55 6.79 -17.41 0.75
CA VAL B 55 7.45 -17.31 -0.55
C VAL B 55 8.82 -17.96 -0.43
N GLY B 56 9.18 -18.77 -1.41
CA GLY B 56 10.45 -19.46 -1.38
C GLY B 56 11.59 -18.60 -1.85
N VAL B 57 12.77 -18.85 -1.30
CA VAL B 57 13.98 -18.10 -1.62
C VAL B 57 14.81 -18.97 -2.54
N LEU B 58 14.99 -18.53 -3.79
CA LEU B 58 15.75 -19.33 -4.75
C LEU B 58 17.24 -19.22 -4.53
N ASP B 59 17.69 -18.13 -3.90
CA ASP B 59 19.11 -17.85 -3.81
C ASP B 59 19.29 -16.71 -2.82
N ALA B 60 20.40 -16.76 -2.08
CA ALA B 60 20.68 -15.72 -1.10
C ALA B 60 22.18 -15.45 -1.10
N LYS B 61 22.55 -14.23 -1.42
CA LYS B 61 23.94 -13.81 -1.43
C LYS B 61 24.13 -12.81 -0.31
N GLU B 62 25.18 -13.01 0.51
CA GLU B 62 25.53 -12.07 1.59
C GLU B 62 26.71 -11.21 1.15
N LEU B 63 26.47 -9.91 0.98
CA LEU B 63 27.48 -9.06 0.37
C LEU B 63 28.65 -8.80 1.31
N VAL B 64 29.86 -8.93 0.75
CA VAL B 64 31.13 -8.53 1.35
C VAL B 64 31.92 -7.79 0.29
N ASP B 65 32.86 -6.96 0.73
CA ASP B 65 33.66 -6.25 -0.25
C ASP B 65 34.79 -7.14 -0.77
N LYS B 66 35.65 -6.58 -1.62
CA LYS B 66 36.72 -7.34 -2.23
C LYS B 66 37.59 -8.04 -1.20
N ASP B 67 37.69 -7.48 0.00
CA ASP B 67 38.53 -8.02 1.07
C ASP B 67 37.81 -9.04 1.95
N GLY B 68 36.54 -9.29 1.72
CA GLY B 68 35.84 -10.17 2.63
C GLY B 68 35.12 -9.46 3.75
N THR B 69 35.08 -8.13 3.72
CA THR B 69 34.52 -7.38 4.83
C THR B 69 32.99 -7.31 4.70
N ASN B 70 32.32 -7.52 5.82
CA ASN B 70 30.88 -7.40 5.90
C ASN B 70 30.38 -6.12 5.26
N LEU B 71 29.24 -6.21 4.55
CA LEU B 71 28.54 -5.04 4.06
C LEU B 71 27.14 -4.90 4.65
N GLU B 72 26.70 -5.90 5.43
CA GLU B 72 25.44 -5.93 6.17
C GLU B 72 24.22 -5.99 5.23
N LEU B 73 24.39 -6.55 4.05
CA LEU B 73 23.29 -6.73 3.12
C LEU B 73 23.21 -8.19 2.68
N THR B 74 21.99 -8.70 2.60
CA THR B 74 21.74 -9.97 1.96
C THR B 74 20.85 -9.73 0.74
N LEU B 75 21.28 -10.22 -0.41
CA LEU B 75 20.45 -10.20 -1.61
C LEU B 75 19.77 -11.56 -1.76
N LEU B 76 18.46 -11.57 -1.99
CA LEU B 76 17.79 -12.86 -2.15
C LEU B 76 16.90 -12.87 -3.39
N LYS B 77 16.90 -14.00 -4.11
CA LYS B 77 16.07 -14.17 -5.31
C LYS B 77 14.80 -14.91 -4.95
N LEU B 78 13.65 -14.29 -5.23
CA LEU B 78 12.36 -14.75 -4.75
C LEU B 78 11.62 -15.58 -5.79
N ASN B 79 11.09 -16.72 -5.34
CA ASN B 79 10.34 -17.66 -6.18
C ASN B 79 8.90 -17.17 -6.36
N ARG B 80 8.75 -16.15 -7.21
CA ARG B 80 7.44 -15.58 -7.52
C ARG B 80 7.41 -15.12 -8.99
N ASN B 81 6.22 -15.18 -9.60
CA ASN B 81 6.11 -14.75 -11.00
C ASN B 81 6.37 -13.26 -11.16
N GLU B 82 5.84 -12.45 -10.25
CA GLU B 82 5.92 -10.99 -10.39
C GLU B 82 7.37 -10.51 -10.36
N LYS B 83 7.65 -9.49 -11.19
CA LYS B 83 8.94 -8.83 -11.21
C LYS B 83 8.81 -7.50 -10.53
N PHE B 84 9.86 -7.07 -9.83
CA PHE B 84 9.91 -5.74 -9.23
C PHE B 84 10.14 -4.68 -10.30
N ARG B 85 9.56 -3.49 -10.09
CA ARG B 85 9.97 -2.31 -10.85
C ARG B 85 11.47 -2.16 -10.74
N ASP B 86 12.12 -1.87 -11.87
CA ASP B 86 13.58 -1.81 -11.98
C ASP B 86 14.05 -0.46 -11.46
N ILE B 87 14.59 -0.40 -10.26
CA ILE B 87 15.01 0.86 -9.70
C ILE B 87 16.54 0.99 -9.70
N ARG B 88 17.24 0.20 -10.50
CA ARG B 88 18.70 0.31 -10.52
C ARG B 88 19.14 1.67 -10.99
N GLY B 89 18.32 2.33 -11.82
CA GLY B 89 18.63 3.68 -12.23
C GLY B 89 18.64 4.69 -11.11
N PHE B 90 18.01 4.38 -9.98
CA PHE B 90 18.00 5.25 -8.81
C PHE B 90 19.12 4.96 -7.85
N LEU B 91 20.00 4.02 -8.17
CA LEU B 91 21.16 3.69 -7.36
C LEU B 91 22.39 4.38 -7.95
N ALA B 92 23.28 4.86 -7.09
CA ALA B 92 24.46 5.55 -7.57
C ALA B 92 25.66 4.60 -7.62
N LYS B 93 26.67 5.00 -8.42
CA LYS B 93 27.89 4.22 -8.53
C LYS B 93 28.59 4.07 -7.19
N GLU B 94 28.70 5.18 -6.44
CA GLU B 94 29.40 5.20 -5.16
C GLU B 94 28.52 5.90 -4.14
N GLU B 95 28.99 5.95 -2.88
CA GLU B 95 28.15 6.42 -1.76
C GLU B 95 27.67 7.86 -1.98
N VAL B 96 26.47 8.13 -1.48
CA VAL B 96 25.76 9.39 -1.74
C VAL B 96 25.57 10.11 -0.42
N GLU B 97 25.94 11.39 -0.36
CA GLU B 97 25.53 12.28 0.72
C GLU B 97 24.41 13.19 0.23
N VAL B 98 23.45 13.47 1.11
CA VAL B 98 22.36 14.38 0.80
C VAL B 98 22.13 15.27 2.02
N ASN B 99 21.57 16.45 1.77
CA ASN B 99 21.30 17.35 2.87
C ASN B 99 20.02 17.01 3.60
N GLU B 100 19.15 16.22 2.99
CA GLU B 100 17.85 15.86 3.57
C GLU B 100 17.44 14.53 2.99
N ALA B 101 17.14 13.56 3.85
CA ALA B 101 16.70 12.26 3.38
C ALA B 101 15.47 11.83 4.16
N VAL B 102 14.75 10.87 3.58
CA VAL B 102 13.60 10.22 4.20
C VAL B 102 13.97 8.77 4.41
N LEU B 103 13.74 8.27 5.61
CA LEU B 103 13.80 6.84 5.88
C LEU B 103 12.36 6.34 5.93
N ALA B 104 12.01 5.42 5.03
CA ALA B 104 10.66 4.86 4.95
C ALA B 104 10.66 3.46 5.52
N ILE B 105 9.69 3.16 6.37
CA ILE B 105 9.58 1.88 7.05
C ILE B 105 8.15 1.37 6.90
N ASN B 106 8.00 0.06 6.70
CA ASN B 106 6.66 -0.55 6.63
C ASN B 106 6.68 -1.90 7.36
N THR B 107 6.43 -1.87 8.67
CA THR B 107 6.21 -3.10 9.43
C THR B 107 5.03 -2.92 10.36
N SER B 108 4.65 -4.01 11.04
CA SER B 108 3.50 -3.94 11.93
C SER B 108 3.77 -3.06 13.14
N LYS B 109 5.02 -2.99 13.60
CA LYS B 109 5.35 -2.03 14.64
C LYS B 109 5.30 -0.60 14.09
N PHE B 110 5.86 -0.38 12.90
CA PHE B 110 5.96 0.95 12.30
C PHE B 110 5.27 0.94 10.94
N PRO B 111 3.95 1.09 10.90
CA PRO B 111 3.25 1.05 9.61
C PRO B 111 3.28 2.42 8.96
N ASN B 112 3.61 2.44 7.67
CA ASN B 112 3.57 3.66 6.85
C ASN B 112 4.34 4.82 7.44
N MET B 113 5.56 4.55 7.85
CA MET B 113 6.34 5.55 8.54
C MET B 113 7.37 6.11 7.58
N TYR B 114 7.35 7.44 7.44
CA TYR B 114 8.23 8.20 6.56
C TYR B 114 8.94 9.22 7.45
N ILE B 115 10.16 8.90 7.85
CA ILE B 115 10.92 9.67 8.83
C ILE B 115 11.87 10.62 8.10
N PRO B 116 11.73 11.93 8.25
CA PRO B 116 12.77 12.83 7.72
C PRO B 116 14.01 12.77 8.61
N VAL B 117 15.17 12.48 8.02
CA VAL B 117 16.39 12.31 8.80
C VAL B 117 17.35 13.47 8.66
N GLY B 118 17.30 14.24 7.58
CA GLY B 118 18.22 15.35 7.44
C GLY B 118 19.52 14.91 6.81
N GLN B 119 20.64 15.47 7.26
CA GLN B 119 21.92 15.26 6.58
C GLN B 119 22.33 13.81 6.67
N VAL B 120 22.70 13.23 5.53
CA VAL B 120 23.27 11.90 5.45
C VAL B 120 24.73 12.07 5.06
N THR B 121 25.64 11.67 5.93
CA THR B 121 27.06 11.74 5.62
C THR B 121 27.61 10.33 5.45
N GLU B 122 28.60 10.22 4.55
CA GLU B 122 29.29 8.97 4.28
C GLU B 122 30.20 8.65 5.45
N TYR B 123 29.92 7.55 6.17
CA TYR B 123 30.56 7.26 7.44
C TYR B 123 31.72 6.30 7.32
N GLY B 124 31.56 5.26 6.50
CA GLY B 124 32.62 4.29 6.22
C GLY B 124 32.65 3.15 7.23
N PHE B 125 33.73 3.06 8.00
CA PHE B 125 33.94 1.89 8.84
C PHE B 125 33.07 1.96 10.09
N LEU B 126 32.47 0.83 10.45
CA LEU B 126 31.69 0.69 11.67
C LEU B 126 31.86 -0.73 12.21
N ASN B 127 31.90 -0.83 13.53
CA ASN B 127 31.98 -2.10 14.23
C ASN B 127 30.58 -2.55 14.65
N LEU B 128 29.74 -2.91 13.67
CA LEU B 128 28.43 -3.44 14.07
C LEU B 128 28.51 -4.69 14.92
N GLY B 129 28.13 -4.57 16.19
CA GLY B 129 27.94 -5.74 17.03
C GLY B 129 29.09 -6.73 17.00
N GLY B 130 30.32 -6.22 16.94
CA GLY B 130 31.52 -7.02 16.87
C GLY B 130 31.98 -7.40 15.48
N THR B 131 31.25 -7.00 14.43
CA THR B 131 31.62 -7.37 13.07
C THR B 131 32.09 -6.15 12.30
N PRO B 132 33.36 -6.10 11.88
CA PRO B 132 33.84 -4.96 11.08
C PRO B 132 33.01 -4.78 9.82
N THR B 133 32.43 -3.61 9.67
CA THR B 133 31.53 -3.36 8.55
C THR B 133 31.98 -2.11 7.80
N LYS B 134 31.74 -2.08 6.49
CA LYS B 134 32.18 -0.97 5.65
C LYS B 134 31.02 -0.47 4.79
N ARG B 135 31.27 0.68 4.16
CA ARG B 135 30.33 1.45 3.35
C ARG B 135 29.09 1.87 4.11
N MET B 136 29.25 2.18 5.40
CA MET B 136 28.16 2.72 6.22
C MET B 136 27.86 4.17 5.87
N LEU B 137 26.58 4.52 5.89
CA LEU B 137 26.10 5.89 5.82
C LEU B 137 25.46 6.23 7.15
N MET B 138 25.66 7.45 7.64
CA MET B 138 25.23 7.85 8.97
C MET B 138 24.31 9.05 8.90
N TYR B 139 23.32 9.08 9.79
CA TYR B 139 22.36 10.17 9.91
C TYR B 139 21.98 10.29 11.38
N ASN B 140 21.53 11.49 11.75
CA ASN B 140 21.45 11.87 13.16
C ASN B 140 19.98 11.84 13.52
N PHE B 141 19.52 10.70 13.99
CA PHE B 141 18.12 10.57 14.33
C PHE B 141 17.88 9.45 15.34
N PRO B 142 17.08 9.70 16.39
CA PRO B 142 16.96 8.70 17.45
C PRO B 142 16.24 7.48 16.94
N THR B 143 17.01 6.42 16.76
CA THR B 143 16.50 5.24 16.09
C THR B 143 16.07 4.22 17.13
N ARG B 144 15.18 3.34 16.68
CA ARG B 144 14.64 2.26 17.48
C ARG B 144 14.91 0.92 16.79
N ALA B 145 14.53 -0.15 17.46
CA ALA B 145 14.70 -1.45 16.84
C ALA B 145 13.45 -1.75 16.04
N GLY B 146 13.58 -2.66 15.07
CA GLY B 146 12.52 -2.91 14.11
C GLY B 146 12.47 -1.94 12.96
N GLN B 147 13.45 -1.06 12.83
CA GLN B 147 13.57 -0.15 11.71
C GLN B 147 14.51 -0.68 10.65
N ALA B 148 15.27 -1.74 10.96
CA ALA B 148 16.17 -2.33 10.00
C ALA B 148 15.40 -2.81 8.76
N GLY B 149 15.94 -2.46 7.60
CA GLY B 149 15.28 -2.69 6.34
C GLY B 149 14.68 -1.44 5.74
N GLY B 150 14.47 -0.39 6.55
CA GLY B 150 13.93 0.86 6.07
C GLY B 150 14.75 1.41 4.92
N VAL B 151 14.08 2.01 3.96
CA VAL B 151 14.70 2.49 2.74
C VAL B 151 15.03 3.96 2.91
N LEU B 152 16.31 4.30 2.80
CA LEU B 152 16.77 5.69 2.95
C LEU B 152 16.78 6.34 1.58
N MET B 153 16.00 7.41 1.41
CA MET B 153 15.74 7.95 0.09
C MET B 153 15.90 9.46 0.02
N SER B 154 16.08 9.90 -1.22
CA SER B 154 16.12 11.28 -1.66
C SER B 154 15.45 11.29 -3.02
N THR B 155 14.92 12.45 -3.45
CA THR B 155 14.18 12.49 -4.71
C THR B 155 14.98 11.92 -5.86
N GLY B 156 14.56 10.77 -6.39
CA GLY B 156 15.28 10.18 -7.49
C GLY B 156 16.46 9.33 -7.10
N LYS B 157 16.64 9.05 -5.80
CA LYS B 157 17.83 8.37 -5.32
C LYS B 157 17.46 7.44 -4.18
N VAL B 158 17.97 6.21 -4.23
CA VAL B 158 17.85 5.26 -3.14
C VAL B 158 19.25 5.15 -2.54
N LEU B 159 19.40 5.58 -1.30
CA LEU B 159 20.73 5.68 -0.72
C LEU B 159 21.17 4.38 -0.08
N GLY B 160 20.29 3.73 0.67
CA GLY B 160 20.70 2.52 1.33
C GLY B 160 19.59 1.95 2.18
N ILE B 161 19.98 0.99 3.02
CA ILE B 161 19.05 0.22 3.84
C ILE B 161 19.49 0.41 5.28
N HIS B 162 18.55 0.81 6.13
CA HIS B 162 18.85 0.99 7.54
C HIS B 162 19.24 -0.36 8.16
N VAL B 163 20.39 -0.40 8.84
CA VAL B 163 20.93 -1.65 9.36
C VAL B 163 21.28 -1.58 10.83
N GLY B 164 21.06 -0.47 11.51
CA GLY B 164 21.41 -0.38 12.91
C GLY B 164 21.49 1.06 13.39
N GLY B 165 21.55 1.17 14.71
CA GLY B 165 21.62 2.48 15.34
C GLY B 165 22.30 2.41 16.69
N ASN B 166 22.32 3.54 17.40
CA ASN B 166 23.00 3.55 18.69
C ASN B 166 22.29 4.40 19.72
N GLY B 167 21.12 4.93 19.41
CA GLY B 167 20.37 5.73 20.35
C GLY B 167 20.19 7.16 19.90
N HIS B 168 21.22 7.72 19.25
CA HIS B 168 21.08 9.04 18.66
C HIS B 168 21.47 9.05 17.19
N GLN B 169 22.14 8.02 16.71
CA GLN B 169 22.53 7.90 15.31
C GLN B 169 22.01 6.61 14.70
N GLY B 170 21.67 6.70 13.43
CA GLY B 170 21.26 5.53 12.67
C GLY B 170 22.24 5.29 11.56
N PHE B 171 22.35 4.07 11.08
CA PHE B 171 23.34 3.74 10.06
C PHE B 171 22.68 2.92 8.97
N SER B 172 22.88 3.31 7.72
CA SER B 172 22.43 2.53 6.58
C SER B 172 23.60 1.94 5.82
N ALA B 173 23.42 0.70 5.38
CA ALA B 173 24.31 0.11 4.40
C ALA B 173 24.08 0.76 3.04
N ALA B 174 25.14 1.30 2.45
CA ALA B 174 24.99 1.95 1.15
C ALA B 174 24.53 0.93 0.12
N LEU B 175 23.68 1.37 -0.80
CA LEU B 175 23.09 0.48 -1.79
C LEU B 175 23.65 0.89 -3.15
N LEU B 176 24.67 0.18 -3.62
CA LEU B 176 25.47 0.58 -4.78
C LEU B 176 25.03 -0.17 -6.04
N LYS B 177 25.14 0.55 -7.17
CA LYS B 177 24.57 0.08 -8.43
C LYS B 177 25.16 -1.25 -8.88
N HIS B 178 26.47 -1.43 -8.73
CA HIS B 178 27.12 -2.63 -9.24
C HIS B 178 26.81 -3.86 -8.39
N TYR B 179 26.14 -3.70 -7.25
CA TYR B 179 25.68 -4.87 -6.52
C TYR B 179 24.69 -5.68 -7.35
N PHE B 180 24.03 -5.05 -8.31
CA PHE B 180 22.92 -5.65 -9.03
C PHE B 180 23.12 -5.62 -10.53
N ASN B 181 24.34 -5.38 -11.01
CA ASN B 181 24.54 -5.46 -12.45
C ASN B 181 24.04 -6.80 -12.97
N ASP B 182 24.41 -7.88 -12.27
CA ASP B 182 23.89 -9.21 -12.56
C ASP B 182 23.13 -9.80 -11.39
N GLU B 183 23.77 -9.97 -10.23
CA GLU B 183 23.12 -10.74 -9.17
C GLU B 183 22.38 -9.77 -8.30
N MET C 1 -2.14 -17.38 -3.76
CA MET C 1 -3.52 -17.13 -3.35
C MET C 1 -4.53 -17.06 -4.53
N GLY C 2 -5.76 -16.63 -4.22
CA GLY C 2 -6.82 -16.58 -5.21
C GLY C 2 -6.50 -15.72 -6.42
N PRO C 3 -7.03 -16.08 -7.59
CA PRO C 3 -7.02 -15.10 -8.68
C PRO C 3 -7.73 -13.84 -8.27
N ALA C 4 -8.74 -13.99 -7.40
CA ALA C 4 -9.51 -12.84 -6.90
C ALA C 4 -8.70 -11.98 -5.94
N PHE C 5 -7.87 -12.61 -5.11
CA PHE C 5 -7.02 -11.87 -4.20
C PHE C 5 -5.99 -11.05 -4.96
N GLU C 6 -5.30 -11.67 -5.93
CA GLU C 6 -4.40 -10.92 -6.80
C GLU C 6 -5.10 -9.71 -7.38
N PHE C 7 -6.35 -9.88 -7.79
CA PHE C 7 -7.08 -8.78 -8.40
C PHE C 7 -7.36 -7.70 -7.36
N ALA C 8 -7.78 -8.12 -6.17
CA ALA C 8 -8.21 -7.15 -5.17
C ALA C 8 -7.03 -6.34 -4.67
N VAL C 9 -5.92 -7.02 -4.36
CA VAL C 9 -4.71 -6.34 -3.92
C VAL C 9 -4.28 -5.32 -4.96
N ALA C 10 -4.25 -5.73 -6.23
CA ALA C 10 -3.93 -4.77 -7.28
C ALA C 10 -4.88 -3.57 -7.21
N MET C 11 -6.18 -3.83 -7.08
CA MET C 11 -7.16 -2.74 -7.06
C MET C 11 -6.91 -1.80 -5.89
N MET C 12 -6.64 -2.34 -4.71
CA MET C 12 -6.48 -1.46 -3.55
C MET C 12 -5.20 -0.64 -3.66
N LYS C 13 -4.11 -1.27 -4.16
CA LYS C 13 -2.84 -0.58 -4.32
C LYS C 13 -2.93 0.57 -5.31
N ARG C 14 -3.66 0.39 -6.42
CA ARG C 14 -3.65 1.35 -7.52
C ARG C 14 -4.81 2.34 -7.49
N ASN C 15 -5.90 2.01 -6.77
CA ASN C 15 -7.17 2.74 -6.88
C ASN C 15 -7.86 3.08 -5.57
N SER C 16 -7.41 2.57 -4.42
CA SER C 16 -8.09 2.89 -3.17
C SER C 16 -7.26 3.86 -2.33
N SER C 17 -7.91 4.46 -1.33
CA SER C 17 -7.24 5.35 -0.38
C SER C 17 -8.05 5.40 0.90
N THR C 18 -7.43 5.89 1.96
CA THR C 18 -8.13 6.10 3.21
C THR C 18 -8.54 7.56 3.28
N VAL C 19 -9.78 7.82 3.68
CA VAL C 19 -10.37 9.15 3.69
C VAL C 19 -10.97 9.40 5.05
N LYS C 20 -10.75 10.59 5.60
CA LYS C 20 -11.45 11.05 6.77
C LYS C 20 -12.32 12.23 6.38
N THR C 21 -13.56 12.23 6.87
CA THR C 21 -14.46 13.38 6.74
C THR C 21 -14.84 13.85 8.14
N GLU C 22 -15.82 14.75 8.22
CA GLU C 22 -16.28 15.08 9.56
C GLU C 22 -17.10 13.94 10.15
N TYR C 23 -17.38 12.89 9.37
CA TYR C 23 -18.33 11.87 9.77
C TYR C 23 -17.70 10.48 9.91
N GLY C 24 -16.37 10.36 9.96
CA GLY C 24 -15.71 9.10 10.25
C GLY C 24 -14.61 8.82 9.24
N GLU C 25 -14.13 7.57 9.25
CA GLU C 25 -13.02 7.14 8.41
C GLU C 25 -13.53 6.11 7.42
N PHE C 26 -13.14 6.24 6.15
CA PHE C 26 -13.76 5.48 5.09
C PHE C 26 -12.71 4.95 4.11
N THR C 27 -12.99 3.77 3.55
CA THR C 27 -12.31 3.32 2.35
C THR C 27 -12.91 4.04 1.17
N MET C 28 -12.06 4.47 0.22
CA MET C 28 -12.51 5.21 -0.97
C MET C 28 -11.90 4.60 -2.22
N LEU C 29 -12.68 4.60 -3.31
CA LEU C 29 -12.30 3.95 -4.55
C LEU C 29 -12.23 4.99 -5.68
N GLY C 30 -11.11 5.03 -6.38
CA GLY C 30 -10.97 5.93 -7.52
C GLY C 30 -11.47 5.24 -8.78
N ILE C 31 -12.35 5.92 -9.51
CA ILE C 31 -12.92 5.27 -10.68
C ILE C 31 -12.07 5.56 -11.89
N TYR C 32 -11.91 6.83 -12.23
CA TYR C 32 -11.07 7.17 -13.35
C TYR C 32 -10.80 8.65 -13.25
N ASP C 33 -9.77 9.11 -13.98
CA ASP C 33 -9.46 10.53 -14.00
C ASP C 33 -9.27 11.02 -12.56
N ARG C 34 -10.21 11.82 -12.06
CA ARG C 34 -10.21 12.27 -10.68
C ARG C 34 -11.54 12.06 -9.99
N TRP C 35 -12.41 11.23 -10.55
CA TRP C 35 -13.68 10.89 -9.92
C TRP C 35 -13.49 9.72 -8.97
N ALA C 36 -13.98 9.87 -7.74
CA ALA C 36 -13.98 8.79 -6.77
C ALA C 36 -15.41 8.59 -6.27
N VAL C 37 -15.60 7.57 -5.44
CA VAL C 37 -16.91 7.24 -4.89
C VAL C 37 -16.76 6.98 -3.39
N LEU C 38 -17.70 7.51 -2.60
CA LEU C 38 -17.85 7.24 -1.18
C LEU C 38 -19.29 6.85 -0.85
N PRO C 39 -19.52 6.22 0.31
CA PRO C 39 -20.89 6.10 0.82
C PRO C 39 -21.45 7.48 1.12
N ARG C 40 -22.77 7.67 0.95
CA ARG C 40 -23.35 8.98 1.29
C ARG C 40 -23.10 9.36 2.72
N HIS C 41 -23.09 8.38 3.63
CA HIS C 41 -22.92 8.73 5.03
C HIS C 41 -21.54 9.34 5.31
N ALA C 42 -20.61 9.30 4.36
CA ALA C 42 -19.36 10.05 4.52
C ALA C 42 -19.58 11.55 4.43
N LYS C 43 -20.55 12.00 3.63
CA LYS C 43 -20.93 13.40 3.52
C LYS C 43 -19.72 14.33 3.38
N PRO C 44 -18.90 14.15 2.34
CA PRO C 44 -17.65 14.92 2.26
C PRO C 44 -17.88 16.42 2.10
N GLY C 45 -17.11 17.20 2.86
CA GLY C 45 -17.20 18.64 2.79
C GLY C 45 -16.27 19.19 1.72
N PRO C 46 -15.97 20.49 1.80
CA PRO C 46 -15.11 21.11 0.78
C PRO C 46 -13.70 20.52 0.69
N THR C 47 -13.17 19.94 1.77
CA THR C 47 -11.92 19.21 1.64
C THR C 47 -12.06 17.88 2.35
N ILE C 48 -11.23 16.95 1.94
CA ILE C 48 -11.15 15.65 2.60
C ILE C 48 -9.69 15.44 3.00
N LEU C 49 -9.49 14.52 3.93
CA LEU C 49 -8.16 14.06 4.27
C LEU C 49 -7.96 12.73 3.54
N MET C 50 -7.14 12.74 2.49
CA MET C 50 -6.88 11.58 1.66
C MET C 50 -5.48 11.06 1.92
N ASN C 51 -5.37 9.95 2.64
CA ASN C 51 -4.08 9.39 3.03
C ASN C 51 -3.30 10.43 3.83
N ASP C 52 -3.97 11.05 4.79
CA ASP C 52 -3.39 12.06 5.68
C ASP C 52 -3.01 13.35 4.95
N GLN C 53 -3.54 13.58 3.75
CA GLN C 53 -3.22 14.79 3.00
C GLN C 53 -4.50 15.52 2.61
N GLU C 54 -4.56 16.80 2.89
CA GLU C 54 -5.76 17.57 2.58
C GLU C 54 -5.90 17.64 1.06
N VAL C 55 -7.09 17.33 0.56
CA VAL C 55 -7.38 17.35 -0.87
C VAL C 55 -8.69 18.08 -1.06
N GLY C 56 -8.73 19.00 -2.03
CA GLY C 56 -9.94 19.77 -2.27
C GLY C 56 -10.94 19.01 -3.12
N VAL C 57 -12.20 19.28 -2.88
CA VAL C 57 -13.28 18.61 -3.59
C VAL C 57 -13.87 19.60 -4.59
N LEU C 58 -13.69 19.32 -5.89
CA LEU C 58 -14.16 20.26 -6.91
C LEU C 58 -15.66 20.14 -7.12
N ASP C 59 -16.22 18.98 -6.82
CA ASP C 59 -17.61 18.68 -7.17
C ASP C 59 -17.99 17.40 -6.45
N ALA C 60 -19.26 17.33 -6.03
CA ALA C 60 -19.81 16.15 -5.38
C ALA C 60 -21.26 15.98 -5.79
N LYS C 61 -21.63 14.73 -6.06
CA LYS C 61 -22.98 14.34 -6.46
C LYS C 61 -23.41 13.18 -5.57
N GLU C 62 -24.59 13.30 -4.97
CA GLU C 62 -25.21 12.18 -4.25
C GLU C 62 -26.17 11.48 -5.20
N LEU C 63 -25.90 10.21 -5.51
CA LEU C 63 -26.61 9.57 -6.61
C LEU C 63 -28.07 9.31 -6.28
N VAL C 64 -28.92 9.54 -7.29
CA VAL C 64 -30.31 9.08 -7.26
C VAL C 64 -30.63 8.45 -8.62
N ASP C 65 -31.61 7.55 -8.63
CA ASP C 65 -32.01 6.97 -9.89
C ASP C 65 -32.98 7.90 -10.61
N LYS C 66 -33.47 7.49 -11.78
CA LYS C 66 -34.37 8.34 -12.55
C LYS C 66 -35.61 8.73 -11.73
N ASP C 67 -36.01 7.88 -10.78
CA ASP C 67 -37.21 8.05 -9.98
C ASP C 67 -36.95 8.91 -8.74
N GLY C 68 -35.69 9.29 -8.51
CA GLY C 68 -35.31 10.08 -7.35
C GLY C 68 -34.88 9.28 -6.14
N THR C 69 -34.76 7.97 -6.26
CA THR C 69 -34.57 7.12 -5.09
C THR C 69 -33.10 7.11 -4.68
N ASN C 70 -32.87 7.19 -3.37
CA ASN C 70 -31.52 7.09 -2.82
C ASN C 70 -30.78 5.88 -3.37
N LEU C 71 -29.48 6.06 -3.66
CA LEU C 71 -28.59 4.97 -4.01
C LEU C 71 -27.43 4.79 -3.04
N GLU C 72 -27.28 5.69 -2.05
CA GLU C 72 -26.27 5.59 -0.99
C GLU C 72 -24.84 5.73 -1.52
N LEU C 73 -24.66 6.48 -2.60
CA LEU C 73 -23.34 6.74 -3.15
C LEU C 73 -23.19 8.23 -3.38
N THR C 74 -22.02 8.73 -3.03
CA THR C 74 -21.59 10.07 -3.37
C THR C 74 -20.39 9.95 -4.29
N LEU C 75 -20.48 10.58 -5.45
CA LEU C 75 -19.36 10.69 -6.37
C LEU C 75 -18.71 12.05 -6.16
N LEU C 76 -17.40 12.08 -6.02
CA LEU C 76 -16.71 13.34 -5.84
C LEU C 76 -15.51 13.47 -6.77
N LYS C 77 -15.35 14.68 -7.30
CA LYS C 77 -14.26 15.02 -8.21
C LYS C 77 -13.14 15.67 -7.41
N LEU C 78 -11.97 15.05 -7.41
CA LEU C 78 -10.88 15.43 -6.54
C LEU C 78 -9.90 16.34 -7.27
N ASN C 79 -9.50 17.42 -6.58
CA ASN C 79 -8.53 18.40 -7.08
C ASN C 79 -7.12 17.87 -6.88
N ARG C 80 -6.68 17.00 -7.80
CA ARG C 80 -5.39 16.33 -7.75
C ARG C 80 -4.81 16.33 -9.15
N ASN C 81 -3.50 16.50 -9.28
CA ASN C 81 -2.94 16.40 -10.62
C ASN C 81 -2.89 14.95 -11.08
N GLU C 82 -2.52 14.03 -10.19
CA GLU C 82 -2.44 12.62 -10.53
C GLU C 82 -3.82 12.06 -10.81
N LYS C 83 -3.93 11.19 -11.81
CA LYS C 83 -5.21 10.58 -12.19
C LYS C 83 -5.29 9.12 -11.77
N PHE C 84 -6.51 8.68 -11.43
CA PHE C 84 -6.74 7.28 -11.08
C PHE C 84 -6.66 6.38 -12.31
N ARG C 85 -6.18 5.15 -12.08
CA ARG C 85 -6.33 4.11 -13.09
C ARG C 85 -7.80 3.96 -13.46
N ASP C 86 -8.06 3.88 -14.76
CA ASP C 86 -9.43 3.82 -15.31
C ASP C 86 -9.94 2.39 -15.19
N ILE C 87 -10.82 2.14 -14.22
CA ILE C 87 -11.32 0.81 -13.98
C ILE C 87 -12.80 0.69 -14.39
N ARG C 88 -13.28 1.59 -15.23
CA ARG C 88 -14.68 1.51 -15.66
C ARG C 88 -14.94 0.23 -16.43
N GLY C 89 -13.93 -0.33 -17.08
CA GLY C 89 -14.12 -1.61 -17.75
C GLY C 89 -14.42 -2.75 -16.81
N PHE C 90 -14.10 -2.60 -15.54
CA PHE C 90 -14.38 -3.64 -14.56
C PHE C 90 -15.76 -3.45 -13.93
N LEU C 91 -16.51 -2.44 -14.38
CA LEU C 91 -17.86 -2.19 -13.89
C LEU C 91 -18.88 -2.77 -14.86
N ALA C 92 -19.97 -3.29 -14.33
CA ALA C 92 -20.98 -3.89 -15.19
C ALA C 92 -22.06 -2.87 -15.51
N LYS C 93 -22.78 -3.12 -16.60
CA LYS C 93 -23.88 -2.22 -16.94
C LYS C 93 -25.09 -2.42 -16.03
N GLU C 94 -25.23 -3.58 -15.38
CA GLU C 94 -26.33 -3.83 -14.46
C GLU C 94 -25.82 -4.63 -13.27
N GLU C 95 -26.68 -4.79 -12.26
CA GLU C 95 -26.25 -5.43 -11.03
C GLU C 95 -25.77 -6.86 -11.31
N VAL C 96 -24.76 -7.29 -10.57
CA VAL C 96 -24.06 -8.55 -10.82
C VAL C 96 -24.22 -9.41 -9.59
N GLU C 97 -24.61 -10.65 -9.79
CA GLU C 97 -24.47 -11.69 -8.78
C GLU C 97 -23.24 -12.51 -9.12
N VAL C 98 -22.51 -12.92 -8.09
CA VAL C 98 -21.38 -13.83 -8.22
C VAL C 98 -21.51 -14.83 -7.10
N ASN C 99 -20.97 -16.03 -7.31
CA ASN C 99 -21.07 -16.96 -6.21
C ASN C 99 -19.91 -16.85 -5.23
N GLU C 100 -18.91 -16.01 -5.53
CA GLU C 100 -17.74 -15.91 -4.67
C GLU C 100 -17.16 -14.50 -4.76
N ALA C 101 -17.09 -13.78 -3.66
CA ALA C 101 -16.58 -12.41 -3.72
C ALA C 101 -15.63 -12.14 -2.55
N VAL C 102 -14.83 -11.06 -2.72
CA VAL C 102 -13.96 -10.52 -1.67
C VAL C 102 -14.40 -9.10 -1.39
N LEU C 103 -14.59 -8.76 -0.11
CA LEU C 103 -14.75 -7.36 0.30
C LEU C 103 -13.44 -6.83 0.88
N ALA C 104 -12.88 -5.80 0.24
CA ALA C 104 -11.60 -5.24 0.63
C ALA C 104 -11.78 -3.90 1.35
N ILE C 105 -11.13 -3.77 2.50
CA ILE C 105 -11.25 -2.58 3.33
C ILE C 105 -9.84 -2.12 3.72
N ASN C 106 -9.64 -0.80 3.75
CA ASN C 106 -8.36 -0.19 4.11
C ASN C 106 -8.63 1.05 4.98
N THR C 107 -8.75 0.86 6.29
CA THR C 107 -8.78 1.97 7.25
C THR C 107 -7.86 1.60 8.40
N SER C 108 -7.66 2.53 9.30
CA SER C 108 -6.80 2.22 10.43
C SER C 108 -7.44 1.19 11.34
N LYS C 109 -8.77 1.15 11.41
CA LYS C 109 -9.42 0.05 12.11
C LYS C 109 -9.18 -1.27 11.37
N PHE C 110 -9.20 -1.25 10.04
CA PHE C 110 -9.10 -2.46 9.24
C PHE C 110 -8.00 -2.28 8.21
N PRO C 111 -6.76 -2.53 8.58
CA PRO C 111 -5.64 -2.34 7.65
C PRO C 111 -5.47 -3.57 6.75
N ASN C 112 -5.39 -3.32 5.44
CA ASN C 112 -5.08 -4.37 4.47
C ASN C 112 -5.98 -5.60 4.65
N MET C 113 -7.28 -5.37 4.68
CA MET C 113 -8.23 -6.42 4.98
C MET C 113 -8.97 -6.90 3.73
N TYR C 114 -8.94 -8.21 3.51
CA TYR C 114 -9.59 -8.84 2.37
C TYR C 114 -10.52 -9.93 2.92
N ILE C 115 -11.82 -9.64 2.98
CA ILE C 115 -12.80 -10.53 3.63
C ILE C 115 -13.43 -11.41 2.55
N PRO C 116 -13.28 -12.73 2.62
CA PRO C 116 -14.04 -13.59 1.71
C PRO C 116 -15.51 -13.57 2.10
N VAL C 117 -16.38 -13.36 1.12
CA VAL C 117 -17.80 -13.17 1.38
C VAL C 117 -18.68 -14.32 0.90
N GLY C 118 -18.33 -15.01 -0.17
CA GLY C 118 -19.22 -16.06 -0.67
C GLY C 118 -20.27 -15.46 -1.57
N GLN C 119 -21.50 -15.98 -1.55
CA GLN C 119 -22.52 -15.56 -2.51
C GLN C 119 -22.89 -14.10 -2.31
N VAL C 120 -22.97 -13.36 -3.43
CA VAL C 120 -23.53 -12.02 -3.47
C VAL C 120 -24.86 -12.15 -4.21
N THR C 121 -25.96 -11.86 -3.53
CA THR C 121 -27.26 -11.89 -4.16
C THR C 121 -27.79 -10.48 -4.34
N GLU C 122 -28.53 -10.31 -5.44
CA GLU C 122 -29.13 -9.02 -5.78
C GLU C 122 -30.37 -8.81 -4.92
N TYR C 123 -30.32 -7.79 -4.06
CA TYR C 123 -31.31 -7.59 -3.02
C TYR C 123 -32.36 -6.55 -3.40
N GLY C 124 -31.94 -5.46 -4.06
CA GLY C 124 -32.85 -4.42 -4.56
C GLY C 124 -33.19 -3.38 -3.49
N PHE C 125 -34.44 -3.35 -3.06
CA PHE C 125 -34.92 -2.30 -2.17
C PHE C 125 -34.52 -2.58 -0.74
N LEU C 126 -34.07 -1.53 -0.06
CA LEU C 126 -33.69 -1.62 1.35
C LEU C 126 -34.10 -0.32 1.99
N ASN C 127 -34.56 -0.41 3.23
CA ASN C 127 -34.91 0.77 4.02
C ASN C 127 -33.73 1.15 4.92
N LEU C 128 -32.60 1.57 4.31
CA LEU C 128 -31.48 2.05 5.11
C LEU C 128 -31.87 3.22 6.00
N GLY C 129 -31.88 2.97 7.31
CA GLY C 129 -32.05 4.05 8.28
C GLY C 129 -33.20 4.97 7.97
N GLY C 130 -34.30 4.43 7.43
CA GLY C 130 -35.45 5.25 7.13
C GLY C 130 -35.48 5.91 5.75
N THR C 131 -34.50 5.61 4.89
CA THR C 131 -34.44 6.18 3.54
C THR C 131 -34.72 5.08 2.52
N PRO C 132 -35.77 5.18 1.70
CA PRO C 132 -35.92 4.20 0.62
C PRO C 132 -34.70 4.25 -0.29
N THR C 133 -34.05 3.08 -0.44
CA THR C 133 -32.83 2.93 -1.22
C THR C 133 -32.97 1.74 -2.17
N LYS C 134 -32.26 1.81 -3.31
CA LYS C 134 -32.33 0.79 -4.34
C LYS C 134 -30.94 0.36 -4.81
N ARG C 135 -30.95 -0.70 -5.63
CA ARG C 135 -29.78 -1.37 -6.20
C ARG C 135 -28.85 -1.89 -5.11
N MET C 136 -29.43 -2.34 -4.00
CA MET C 136 -28.63 -2.95 -2.96
C MET C 136 -28.14 -4.34 -3.37
N LEU C 137 -26.90 -4.66 -3.00
CA LEU C 137 -26.38 -6.00 -3.14
C LEU C 137 -26.26 -6.57 -1.75
N MET C 138 -26.57 -7.84 -1.60
CA MET C 138 -26.64 -8.43 -0.28
C MET C 138 -25.70 -9.61 -0.25
N TYR C 139 -24.99 -9.70 0.85
CA TYR C 139 -24.05 -10.75 1.11
C TYR C 139 -24.07 -10.92 2.59
N ASN C 140 -23.61 -12.06 3.01
CA ASN C 140 -23.94 -12.52 4.33
C ASN C 140 -22.60 -12.71 5.05
N PHE C 141 -22.05 -11.63 5.59
CA PHE C 141 -20.86 -11.73 6.42
C PHE C 141 -21.16 -10.85 7.64
N PRO C 142 -21.54 -11.46 8.81
CA PRO C 142 -21.78 -10.62 10.00
C PRO C 142 -20.71 -9.56 10.12
N THR C 143 -21.16 -8.34 9.89
CA THR C 143 -20.34 -7.18 9.66
C THR C 143 -20.29 -6.23 10.85
N ARG C 144 -19.24 -5.42 10.87
CA ARG C 144 -18.94 -4.42 11.88
C ARG C 144 -18.85 -3.01 11.26
N ALA C 145 -18.66 -2.01 12.11
CA ALA C 145 -18.65 -0.61 11.71
C ALA C 145 -17.25 -0.15 11.30
N GLY C 146 -17.21 0.95 10.55
CA GLY C 146 -15.97 1.35 9.93
C GLY C 146 -15.64 0.58 8.67
N GLN C 147 -16.56 -0.25 8.20
CA GLN C 147 -16.36 -1.00 6.98
C GLN C 147 -17.01 -0.34 5.77
N ALA C 148 -17.79 0.71 5.99
CA ALA C 148 -18.40 1.41 4.89
C ALA C 148 -17.31 1.95 3.97
N GLY C 149 -17.52 1.73 2.68
CA GLY C 149 -16.57 2.08 1.67
C GLY C 149 -15.79 0.91 1.13
N GLY C 150 -15.78 -0.22 1.84
CA GLY C 150 -15.05 -1.37 1.37
C GLY C 150 -15.47 -1.74 -0.05
N VAL C 151 -14.54 -2.21 -0.87
CA VAL C 151 -14.79 -2.51 -2.27
C VAL C 151 -15.15 -3.99 -2.44
N LEU C 152 -16.33 -4.26 -3.02
CA LEU C 152 -16.78 -5.63 -3.25
C LEU C 152 -16.34 -6.07 -4.64
N MET C 153 -15.51 -7.12 -4.69
CA MET C 153 -14.84 -7.49 -5.93
C MET C 153 -14.93 -8.98 -6.22
N SER C 154 -14.71 -9.27 -7.50
CA SER C 154 -14.46 -10.59 -8.04
C SER C 154 -13.46 -10.38 -9.16
N THR C 155 -12.75 -11.44 -9.54
CA THR C 155 -11.69 -11.23 -10.51
C THR C 155 -12.18 -10.57 -11.79
N GLY C 156 -11.72 -9.35 -12.03
CA GLY C 156 -12.10 -8.63 -13.21
C GLY C 156 -13.36 -7.83 -13.09
N LYS C 157 -13.95 -7.74 -11.91
CA LYS C 157 -15.23 -7.07 -11.76
C LYS C 157 -15.27 -6.36 -10.42
N VAL C 158 -15.74 -5.11 -10.42
CA VAL C 158 -16.00 -4.36 -9.20
C VAL C 158 -17.52 -4.29 -9.06
N LEU C 159 -18.05 -4.94 -8.04
CA LEU C 159 -19.49 -5.11 -7.94
C LEU C 159 -20.13 -3.92 -7.27
N GLY C 160 -19.54 -3.45 -6.16
CA GLY C 160 -20.14 -2.35 -5.44
C GLY C 160 -19.28 -1.94 -4.25
N ILE C 161 -19.89 -1.07 -3.44
CA ILE C 161 -19.24 -0.39 -2.32
C ILE C 161 -20.03 -0.69 -1.05
N HIS C 162 -19.35 -1.19 -0.02
CA HIS C 162 -20.04 -1.55 1.21
C HIS C 162 -20.63 -0.31 1.87
N VAL C 163 -21.92 -0.34 2.17
CA VAL C 163 -22.61 0.84 2.70
C VAL C 163 -23.35 0.57 3.99
N GLY C 164 -23.28 -0.63 4.52
CA GLY C 164 -23.96 -0.89 5.78
C GLY C 164 -24.20 -2.36 5.98
N GLY C 165 -24.53 -2.69 7.22
CA GLY C 165 -24.74 -4.07 7.60
C GLY C 165 -25.73 -4.15 8.73
N ASN C 166 -25.95 -5.36 9.21
CA ASN C 166 -27.01 -5.55 10.19
C ASN C 166 -26.68 -6.58 11.24
N GLY C 167 -25.49 -7.13 11.25
CA GLY C 167 -25.21 -8.05 12.32
C GLY C 167 -25.06 -9.40 11.70
N HIS C 168 -25.96 -9.72 10.80
CA HIS C 168 -25.78 -10.91 9.97
C HIS C 168 -25.38 -10.53 8.55
N GLN C 169 -26.18 -9.69 7.91
CA GLN C 169 -26.01 -9.45 6.49
C GLN C 169 -25.26 -8.17 6.23
N GLY C 170 -24.51 -8.16 5.14
CA GLY C 170 -23.87 -6.94 4.74
C GLY C 170 -24.48 -6.47 3.44
N PHE C 171 -24.40 -5.18 3.13
CA PHE C 171 -25.02 -4.62 1.94
C PHE C 171 -24.05 -3.71 1.21
N SER C 172 -23.91 -3.89 -0.10
CA SER C 172 -23.18 -2.96 -0.95
C SER C 172 -24.13 -2.23 -1.90
N ALA C 173 -23.87 -0.95 -2.13
CA ALA C 173 -24.49 -0.22 -3.23
C ALA C 173 -23.85 -0.66 -4.54
N ALA C 174 -24.67 -1.13 -5.49
CA ALA C 174 -24.11 -1.59 -6.77
C ALA C 174 -23.44 -0.46 -7.53
N LEU C 175 -22.34 -0.75 -8.19
CA LEU C 175 -21.55 0.28 -8.86
C LEU C 175 -21.61 0.00 -10.36
N LEU C 176 -22.49 0.71 -11.05
CA LEU C 176 -22.82 0.44 -12.44
C LEU C 176 -22.08 1.39 -13.38
N LYS C 177 -21.75 0.86 -14.56
CA LYS C 177 -20.87 1.56 -15.49
C LYS C 177 -21.41 2.92 -15.92
N HIS C 178 -22.71 3.03 -16.16
CA HIS C 178 -23.21 4.29 -16.69
C HIS C 178 -23.21 5.41 -15.67
N TYR C 179 -22.93 5.11 -14.39
CA TYR C 179 -22.74 6.17 -13.41
C TYR C 179 -21.59 7.09 -13.78
N PHE C 180 -20.67 6.62 -14.62
CA PHE C 180 -19.41 7.30 -14.88
C PHE C 180 -19.16 7.56 -16.35
N ASN C 181 -20.20 7.51 -17.20
CA ASN C 181 -19.99 7.84 -18.61
C ASN C 181 -19.31 9.19 -18.74
N ASP C 182 -19.64 10.12 -17.84
CA ASP C 182 -19.09 11.47 -17.84
C ASP C 182 -18.59 11.90 -16.47
N GLU C 183 -18.59 10.99 -15.49
CA GLU C 183 -18.22 11.33 -14.13
C GLU C 183 -17.98 10.05 -13.34
P PO4 D . 33.95 -4.48 -4.21
O1 PO4 D . 34.80 -4.26 -2.98
O2 PO4 D . 34.08 -5.95 -4.64
O3 PO4 D . 32.48 -4.12 -3.93
O4 PO4 D . 34.50 -3.56 -5.31
P PO4 E . 12.68 0.51 21.29
O1 PO4 E . 13.76 -0.44 21.82
O2 PO4 E . 12.26 0.08 19.89
O3 PO4 E . 11.41 0.49 22.16
O4 PO4 E . 13.26 1.94 21.27
P PO4 F . -31.04 5.49 -13.68
O1 PO4 F . -29.81 5.52 -12.77
O2 PO4 F . -30.80 4.38 -14.69
O3 PO4 F . -32.32 5.27 -12.89
O4 PO4 F . -31.18 6.82 -14.43
P PO4 G . -13.08 -15.81 -9.65
O1 PO4 G . -12.21 -16.44 -8.54
O2 PO4 G . -14.39 -16.59 -9.80
O3 PO4 G . -13.43 -14.39 -9.21
O4 PO4 G . -12.33 -15.83 -10.99
P PO4 H . -2.78 12.36 -2.14
O1 PO4 H . -1.34 12.74 -1.81
O2 PO4 H . -2.90 10.82 -2.20
O3 PO4 H . -3.67 12.90 -1.03
O4 PO4 H . -3.16 13.03 -3.48
#